data_6IST
#
_entry.id   6IST
#
_cell.length_a   47.030
_cell.length_b   56.920
_cell.length_c   91.520
_cell.angle_alpha   90.00
_cell.angle_beta   96.29
_cell.angle_gamma   90.00
#
_symmetry.space_group_name_H-M   'P 1 21 1'
#
loop_
_entity.id
_entity.type
_entity.pdbx_description
1 polymer Lysin
2 polymer Lysin
3 non-polymer 'CALCIUM ION'
4 water water
#
loop_
_entity_poly.entity_id
_entity_poly.type
_entity_poly.pdbx_seq_one_letter_code
_entity_poly.pdbx_strand_id
1 'polypeptide(L)' MFIYYKRTKQGSTEQWFVIGGKRIYLPTMTYVNEANDLIKRYGGNTNVTTYNHDNFGLKMMEAALPQVKV A,B,D
2 'polypeptide(L)'
;MVKLNDVLSYVNGLVGKGVDADGWYGTQCMDLTVDVMQRFFGWRPYGNAIALVDQPLPAGFQRIRTTSSTQIKAGDVMIW
GLGYYAQYGHTGIATEDGRADGTFVSVDQNWINPSLEVGSPAAAIHHNMDGVWGVIRPPYEAASTPKPPAPKPDKPNLGQ
FKGDDDIMFIYYKRTKQGSTEQWFVIGGKRIYLPTMTYVNEANDLIKRYGGNTNVTTYNHDNFGLKMMEAALPQVKV
;
C
#
loop_
_chem_comp.id
_chem_comp.type
_chem_comp.name
_chem_comp.formula
CA non-polymer 'CALCIUM ION' 'Ca 2'
#
# COMPACT_ATOMS: atom_id res chain seq x y z
N MET A 1 7.98 7.57 11.35
CA MET A 1 9.02 8.34 12.00
C MET A 1 10.36 7.82 11.49
N PHE A 2 11.22 8.71 11.01
CA PHE A 2 12.58 8.36 10.67
C PHE A 2 13.46 9.61 10.47
N ILE A 3 14.78 9.44 10.43
CA ILE A 3 15.69 10.54 10.14
C ILE A 3 16.30 10.27 8.78
N TYR A 4 16.54 11.32 8.03
CA TYR A 4 17.39 11.24 6.87
C TYR A 4 18.40 12.40 6.83
N TYR A 5 19.46 12.23 6.04
CA TYR A 5 20.44 13.28 5.77
C TYR A 5 20.24 13.86 4.40
N LYS A 6 20.36 15.17 4.33
CA LYS A 6 20.30 15.87 3.07
C LYS A 6 21.68 16.58 2.85
N ARG A 7 22.35 16.27 1.74
CA ARG A 7 23.40 17.14 1.17
C ARG A 7 22.76 18.29 0.45
N THR A 8 23.00 19.51 0.94
CA THR A 8 22.43 20.70 0.37
C THR A 8 23.24 21.15 -0.86
N LYS A 9 22.69 22.08 -1.61
CA LYS A 9 23.38 22.65 -2.81
C LYS A 9 24.75 23.19 -2.46
N GLN A 10 24.81 23.85 -1.31
CA GLN A 10 26.06 24.46 -0.85
C GLN A 10 27.00 23.45 -0.19
N GLY A 11 26.60 22.17 -0.15
CA GLY A 11 27.48 21.08 0.28
C GLY A 11 27.52 20.81 1.78
N SER A 12 26.62 21.41 2.57
CA SER A 12 26.52 20.97 3.98
C SER A 12 25.62 19.75 4.08
N THR A 13 25.77 19.00 5.17
CA THR A 13 24.90 17.84 5.41
C THR A 13 23.92 18.18 6.57
N GLU A 14 22.62 18.19 6.28
CA GLU A 14 21.56 18.48 7.25
C GLU A 14 20.87 17.19 7.73
N GLN A 15 20.51 17.11 9.00
CA GLN A 15 19.68 16.02 9.49
C GLN A 15 18.23 16.46 9.59
N TRP A 16 17.34 15.63 9.05
CA TRP A 16 15.91 15.89 9.08
C TRP A 16 15.14 14.76 9.71
N PHE A 17 14.06 15.08 10.40
CA PHE A 17 13.27 14.14 11.19
C PHE A 17 11.88 14.14 10.62
N VAL A 18 11.42 12.97 10.18
CA VAL A 18 10.05 12.80 9.66
C VAL A 18 9.18 12.27 10.76
N ILE A 19 8.11 13.00 11.08
CA ILE A 19 7.20 12.62 12.14
C ILE A 19 5.86 13.22 11.86
N GLY A 20 4.79 12.45 12.11
CA GLY A 20 3.43 12.95 11.96
C GLY A 20 3.11 13.53 10.59
N GLY A 21 3.71 12.99 9.54
CA GLY A 21 3.56 13.53 8.21
C GLY A 21 4.23 14.83 7.93
N LYS A 22 5.18 15.24 8.78
CA LYS A 22 5.85 16.53 8.69
C LYS A 22 7.36 16.27 8.72
N ARG A 23 8.14 17.28 8.37
CA ARG A 23 9.62 17.21 8.35
C ARG A 23 10.12 18.26 9.28
N ILE A 24 11.11 17.93 10.12
CA ILE A 24 11.69 18.88 11.01
C ILE A 24 13.19 18.88 10.80
N TYR A 25 13.78 20.02 10.52
CA TYR A 25 15.24 20.17 10.49
C TYR A 25 15.78 20.13 11.89
N LEU A 26 16.80 19.31 12.11
CA LEU A 26 17.37 19.12 13.46
C LEU A 26 18.62 19.99 13.62
N PRO A 27 18.49 21.12 14.33
CA PRO A 27 19.59 22.10 14.34
C PRO A 27 20.82 21.78 15.15
N THR A 28 20.73 20.88 16.13
CA THR A 28 21.82 20.57 17.04
C THR A 28 21.73 19.13 17.41
N MET A 29 22.83 18.56 17.88
CA MET A 29 22.89 17.16 18.29
C MET A 29 21.94 16.82 19.44
N THR A 30 21.53 17.80 20.24
CA THR A 30 20.53 17.53 21.25
C THR A 30 19.16 17.16 20.64
N TYR A 31 18.81 17.89 19.59
CA TYR A 31 17.60 17.57 18.81
C TYR A 31 17.71 16.22 18.15
N VAL A 32 18.88 15.90 17.64
CA VAL A 32 19.05 14.61 16.94
C VAL A 32 18.89 13.48 17.93
N ASN A 33 19.56 13.58 19.07
CA ASN A 33 19.40 12.58 20.14
C ASN A 33 17.95 12.35 20.61
N GLU A 34 17.23 13.44 20.80
CA GLU A 34 15.85 13.37 21.23
C GLU A 34 15.00 12.69 20.12
N ALA A 35 15.29 13.02 18.85
CA ALA A 35 14.59 12.36 17.73
C ALA A 35 14.82 10.86 17.69
N ASN A 36 16.08 10.45 17.89
CA ASN A 36 16.36 9.05 17.96
C ASN A 36 15.72 8.33 19.11
N ASP A 37 15.58 9.00 20.27
CA ASP A 37 14.90 8.38 21.42
C ASP A 37 13.42 8.21 21.02
N LEU A 38 12.84 9.16 20.30
CA LEU A 38 11.47 9.05 19.88
C LEU A 38 11.28 7.85 18.93
N ILE A 39 12.20 7.72 17.98
CA ILE A 39 12.20 6.58 17.09
C ILE A 39 12.21 5.32 17.86
N LYS A 40 13.10 5.22 18.82
CA LYS A 40 13.16 3.99 19.56
C LYS A 40 11.90 3.69 20.35
N ARG A 41 11.31 4.69 21.00
CA ARG A 41 10.13 4.53 21.82
C ARG A 41 8.93 4.08 21.02
N TYR A 42 8.73 4.73 19.87
CA TYR A 42 7.52 4.58 19.15
C TYR A 42 7.63 3.68 17.92
N GLY A 43 8.65 2.84 17.87
CA GLY A 43 8.76 1.92 16.75
C GLY A 43 8.99 2.52 15.38
N GLY A 44 9.79 3.57 15.29
CA GLY A 44 10.07 4.21 14.07
C GLY A 44 11.12 3.41 13.29
N ASN A 45 11.47 3.90 12.12
CA ASN A 45 12.40 3.21 11.24
C ASN A 45 13.77 3.76 11.50
N THR A 46 14.76 2.90 11.61
CA THR A 46 16.12 3.27 11.95
C THR A 46 17.05 3.40 10.70
N ASN A 47 16.49 3.30 9.50
CA ASN A 47 17.26 3.52 8.28
C ASN A 47 17.73 4.96 8.24
N VAL A 48 19.01 5.21 8.02
CA VAL A 48 19.49 6.57 7.66
C VAL A 48 20.13 6.61 6.29
N THR A 49 19.50 7.32 5.38
CA THR A 49 19.98 7.46 4.04
C THR A 49 20.33 8.94 3.81
N THR A 50 21.37 9.13 3.00
CA THR A 50 21.83 10.44 2.62
C THR A 50 21.34 10.74 1.22
N TYR A 51 20.63 11.84 1.10
CA TYR A 51 20.05 12.29 -0.16
C TYR A 51 20.71 13.57 -0.63
N ASN A 52 21.15 13.57 -1.89
CA ASN A 52 21.54 14.81 -2.54
C ASN A 52 20.33 15.65 -2.82
N HIS A 53 20.50 16.97 -2.81
CA HIS A 53 19.42 17.91 -2.90
C HIS A 53 18.56 17.75 -4.16
N ASP A 54 19.13 17.16 -5.20
CA ASP A 54 18.38 16.99 -6.47
C ASP A 54 17.79 15.58 -6.62
N ASN A 55 17.91 14.71 -5.61
CA ASN A 55 17.36 13.36 -5.66
C ASN A 55 15.84 13.39 -5.71
N PHE A 56 15.25 12.67 -6.68
CA PHE A 56 13.77 12.70 -6.78
C PHE A 56 13.03 12.05 -5.60
N GLY A 57 13.61 11.08 -4.93
CA GLY A 57 12.99 10.59 -3.69
C GLY A 57 12.90 11.68 -2.62
N LEU A 58 14.00 12.40 -2.41
CA LEU A 58 14.02 13.58 -1.57
C LEU A 58 12.95 14.60 -2.02
N LYS A 59 12.93 14.91 -3.31
CA LYS A 59 11.97 15.90 -3.80
C LYS A 59 10.52 15.50 -3.52
N MET A 60 10.22 14.22 -3.71
CA MET A 60 8.86 13.74 -3.38
C MET A 60 8.55 13.79 -1.85
N MET A 61 9.51 13.44 -0.98
CA MET A 61 9.30 13.62 0.47
C MET A 61 9.11 15.11 0.81
N GLU A 62 9.87 16.01 0.18
CA GLU A 62 9.77 17.45 0.58
C GLU A 62 8.43 18.02 0.17
N ALA A 63 7.92 17.56 -0.97
CA ALA A 63 6.63 17.98 -1.47
C ALA A 63 5.46 17.47 -0.66
N ALA A 64 5.59 16.26 -0.12
CA ALA A 64 4.48 15.62 0.52
C ALA A 64 4.43 15.89 2.05
N LEU A 65 5.59 16.23 2.64
CA LEU A 65 5.72 16.33 4.07
C LEU A 65 6.09 17.78 4.35
N PRO A 66 5.10 18.62 4.75
CA PRO A 66 5.41 20.02 5.06
C PRO A 66 6.45 20.15 6.14
N GLN A 67 7.27 21.18 6.05
CA GLN A 67 8.25 21.48 7.13
C GLN A 67 7.56 22.15 8.32
N VAL A 68 7.90 21.77 9.54
CA VAL A 68 7.50 22.56 10.74
C VAL A 68 8.76 22.87 11.50
N LYS A 69 8.76 24.02 12.17
CA LYS A 69 9.93 24.55 12.86
C LYS A 69 9.79 24.19 14.29
N VAL A 70 10.87 23.79 14.94
CA VAL A 70 10.76 23.50 16.39
C VAL A 70 10.96 24.74 17.28
N MET B 1 -0.65 5.59 17.01
CA MET B 1 -1.59 5.77 18.11
C MET B 1 -0.75 5.46 19.35
N PHE B 2 -0.64 6.39 20.28
CA PHE B 2 0.00 6.14 21.54
C PHE B 2 -0.35 7.25 22.56
N ILE B 3 0.01 7.05 23.82
CA ILE B 3 -0.30 8.06 24.83
C ILE B 3 1.03 8.47 25.40
N TYR B 4 1.20 9.73 25.75
CA TYR B 4 2.33 10.16 26.54
C TYR B 4 1.88 11.07 27.70
N TYR B 5 2.71 11.19 28.73
CA TYR B 5 2.42 12.16 29.81
C TYR B 5 3.26 13.38 29.65
N LYS B 6 2.72 14.52 30.06
CA LYS B 6 3.49 15.72 30.02
C LYS B 6 3.41 16.36 31.43
N ARG B 7 4.57 16.63 32.03
CA ARG B 7 4.62 17.38 33.25
C ARG B 7 4.71 18.85 32.91
N THR B 8 3.71 19.64 33.34
CA THR B 8 3.67 21.01 32.91
C THR B 8 4.57 21.88 33.78
N LYS B 9 4.75 23.10 33.30
CA LYS B 9 5.58 24.10 33.93
C LYS B 9 5.05 24.41 35.34
N GLN B 10 3.74 24.39 35.51
CA GLN B 10 3.19 24.62 36.83
C GLN B 10 3.07 23.33 37.65
N GLY B 11 3.69 22.24 37.20
CA GLY B 11 3.76 21.02 38.01
C GLY B 11 2.69 19.94 37.96
N SER B 12 1.61 20.13 37.21
CA SER B 12 0.64 19.05 37.04
C SER B 12 1.07 18.11 35.89
N THR B 13 0.56 16.88 35.88
CA THR B 13 0.80 15.95 34.82
C THR B 13 -0.46 15.79 33.94
N GLU B 14 -0.31 15.91 32.63
CA GLU B 14 -1.37 15.80 31.64
C GLU B 14 -1.17 14.52 30.86
N GLN B 15 -2.24 13.82 30.50
CA GLN B 15 -2.17 12.69 29.59
C GLN B 15 -2.63 13.10 28.21
N TRP B 16 -1.86 12.75 27.19
CA TRP B 16 -2.14 13.16 25.84
C TRP B 16 -2.19 11.90 24.97
N PHE B 17 -3.06 11.90 23.98
CA PHE B 17 -3.29 10.76 23.09
C PHE B 17 -2.95 11.22 21.68
N VAL B 18 -2.10 10.45 21.00
CA VAL B 18 -1.73 10.73 19.60
C VAL B 18 -2.48 9.80 18.70
N ILE B 19 -3.21 10.39 17.74
CA ILE B 19 -4.04 9.61 16.83
C ILE B 19 -4.24 10.41 15.55
N GLY B 20 -4.09 9.75 14.41
CA GLY B 20 -4.34 10.41 13.10
C GLY B 20 -3.45 11.60 12.85
N GLY B 21 -2.22 11.56 13.36
CA GLY B 21 -1.33 12.70 13.23
C GLY B 21 -1.72 13.90 14.08
N LYS B 22 -2.63 13.72 15.03
CA LYS B 22 -3.09 14.76 15.91
C LYS B 22 -2.85 14.40 17.36
N ARG B 23 -2.95 15.37 18.27
CA ARG B 23 -2.85 15.07 19.69
C ARG B 23 -4.07 15.61 20.46
N ILE B 24 -4.51 14.83 21.43
CA ILE B 24 -5.75 15.10 22.17
C ILE B 24 -5.41 15.05 23.64
N TYR B 25 -5.63 16.15 24.33
CA TYR B 25 -5.59 16.18 25.78
C TYR B 25 -6.71 15.35 26.35
N LEU B 26 -6.38 14.43 27.22
CA LEU B 26 -7.39 13.55 27.77
C LEU B 26 -7.85 14.11 29.12
N PRO B 27 -9.05 14.70 29.15
CA PRO B 27 -9.42 15.47 30.38
C PRO B 27 -9.89 14.60 31.58
N THR B 28 -10.30 13.38 31.36
CA THR B 28 -10.76 12.56 32.49
C THR B 28 -10.35 11.14 32.29
N MET B 29 -10.49 10.33 33.35
CA MET B 29 -10.19 8.92 33.23
C MET B 29 -11.06 8.16 32.24
N THR B 30 -12.28 8.57 31.98
CA THR B 30 -13.07 7.87 31.02
C THR B 30 -12.46 8.02 29.63
N TYR B 31 -11.99 9.22 29.30
CA TYR B 31 -11.31 9.46 28.06
C TYR B 31 -10.04 8.66 28.00
N VAL B 32 -9.33 8.56 29.13
CA VAL B 32 -8.09 7.75 29.14
C VAL B 32 -8.35 6.27 28.80
N ASN B 33 -9.35 5.71 29.44
CA ASN B 33 -9.67 4.28 29.28
C ASN B 33 -10.13 3.97 27.86
N GLU B 34 -10.91 4.87 27.30
CA GLU B 34 -11.33 4.72 25.90
C GLU B 34 -10.11 4.82 24.91
N ALA B 35 -9.20 5.76 25.15
CA ALA B 35 -7.92 5.85 24.38
C ALA B 35 -7.08 4.57 24.47
N ASN B 36 -6.95 4.06 25.68
CA ASN B 36 -6.30 2.77 25.82
C ASN B 36 -6.98 1.63 25.08
N ASP B 37 -8.31 1.63 25.07
CA ASP B 37 -9.04 0.65 24.32
C ASP B 37 -8.83 0.84 22.80
N LEU B 38 -8.75 2.06 22.30
CA LEU B 38 -8.42 2.26 20.90
C LEU B 38 -7.03 1.69 20.56
N ILE B 39 -6.07 1.97 21.42
CA ILE B 39 -4.72 1.49 21.19
C ILE B 39 -4.72 -0.04 21.05
N LYS B 40 -5.37 -0.73 21.99
CA LYS B 40 -5.40 -2.20 21.94
C LYS B 40 -6.13 -2.72 20.68
N ARG B 41 -7.22 -2.09 20.32
CA ARG B 41 -7.95 -2.53 19.13
C ARG B 41 -7.16 -2.41 17.83
N TYR B 42 -6.47 -1.28 17.68
CA TYR B 42 -5.89 -0.92 16.41
C TYR B 42 -4.36 -1.05 16.38
N GLY B 43 -3.81 -1.83 17.30
CA GLY B 43 -2.35 -2.07 17.37
C GLY B 43 -1.49 -0.84 17.53
N GLY B 44 -1.92 0.03 18.42
CA GLY B 44 -1.16 1.20 18.78
C GLY B 44 0.01 0.82 19.67
N ASN B 45 0.89 1.78 19.87
CA ASN B 45 2.08 1.55 20.65
C ASN B 45 1.72 1.73 22.12
N THR B 46 2.17 0.81 22.98
CA THR B 46 1.84 0.84 24.41
C THR B 46 2.96 1.48 25.31
N ASN B 47 4.01 2.03 24.69
CA ASN B 47 4.97 2.82 25.42
C ASN B 47 4.26 3.96 26.16
N VAL B 48 4.58 4.11 27.42
CA VAL B 48 4.07 5.30 28.21
C VAL B 48 5.24 6.00 28.84
N THR B 49 5.58 7.20 28.39
CA THR B 49 6.75 7.92 28.82
C THR B 49 6.25 9.28 29.30
N THR B 50 6.91 9.84 30.32
CA THR B 50 6.60 11.20 30.76
C THR B 50 7.67 12.15 30.26
N TYR B 51 7.25 13.26 29.70
CA TYR B 51 8.09 14.28 29.25
C TYR B 51 7.95 15.52 30.13
N ASN B 52 9.05 16.05 30.60
CA ASN B 52 9.03 17.38 31.18
C ASN B 52 8.76 18.36 30.08
N HIS B 53 8.13 19.47 30.44
CA HIS B 53 7.60 20.42 29.49
C HIS B 53 8.64 21.00 28.54
N ASP B 54 9.87 21.08 29.01
CA ASP B 54 11.00 21.62 28.29
C ASP B 54 11.68 20.63 27.33
N ASN B 55 11.29 19.37 27.40
CA ASN B 55 11.97 18.33 26.61
C ASN B 55 11.86 18.56 25.11
N PHE B 56 12.96 18.41 24.36
CA PHE B 56 12.99 18.71 22.93
C PHE B 56 12.21 17.68 22.10
N GLY B 57 12.20 16.45 22.55
CA GLY B 57 11.38 15.43 21.92
C GLY B 57 9.91 15.82 22.00
N LEU B 58 9.49 16.29 23.17
CA LEU B 58 8.09 16.74 23.34
C LEU B 58 7.80 17.95 22.48
N LYS B 59 8.69 18.93 22.52
CA LYS B 59 8.54 20.09 21.62
C LYS B 59 8.41 19.73 20.12
N MET B 60 9.12 18.71 19.65
CA MET B 60 9.01 18.29 18.24
C MET B 60 7.64 17.65 18.02
N MET B 61 7.20 16.77 18.92
CA MET B 61 5.87 16.19 18.79
C MET B 61 4.81 17.29 18.77
N GLU B 62 4.97 18.29 19.63
CA GLU B 62 3.94 19.31 19.79
C GLU B 62 3.90 20.21 18.57
N ALA B 63 5.04 20.41 17.95
CA ALA B 63 5.05 21.13 16.65
C ALA B 63 4.48 20.35 15.47
N ALA B 64 4.70 19.05 15.44
CA ALA B 64 4.34 18.28 14.28
C ALA B 64 2.89 17.81 14.36
N LEU B 65 2.36 17.64 15.57
CA LEU B 65 1.04 17.07 15.78
C LEU B 65 0.09 18.16 16.32
N PRO B 66 -0.76 18.74 15.45
CA PRO B 66 -1.72 19.71 15.96
C PRO B 66 -2.69 19.15 17.01
N GLN B 67 -3.12 20.04 17.88
CA GLN B 67 -4.01 19.68 18.92
C GLN B 67 -5.41 19.70 18.37
N VAL B 68 -6.18 18.69 18.72
CA VAL B 68 -7.63 18.79 18.51
C VAL B 68 -8.32 18.55 19.84
N LYS B 69 -9.53 19.08 19.90
CA LYS B 69 -10.20 19.28 21.17
C LYS B 69 -11.28 18.26 21.42
N VAL B 70 -11.23 17.78 22.67
CA VAL B 70 -12.13 16.87 23.36
C VAL B 70 -11.19 16.32 24.47
N MET C 1 12.44 -13.07 0.00
CA MET C 1 11.73 -12.85 -1.31
C MET C 1 11.18 -14.20 -1.88
N VAL C 2 10.46 -14.14 -3.00
CA VAL C 2 9.61 -15.28 -3.36
C VAL C 2 10.39 -16.47 -3.90
N LYS C 3 10.03 -17.65 -3.41
CA LYS C 3 10.70 -18.86 -3.80
C LYS C 3 9.92 -19.54 -5.00
N LEU C 4 10.67 -19.85 -6.01
CA LEU C 4 10.14 -20.49 -7.19
C LEU C 4 9.41 -21.79 -6.85
N ASN C 5 9.97 -22.58 -5.96
CA ASN C 5 9.33 -23.84 -5.56
C ASN C 5 7.99 -23.64 -4.92
N ASP C 6 7.78 -22.53 -4.23
CA ASP C 6 6.47 -22.25 -3.66
C ASP C 6 5.46 -22.00 -4.74
N VAL C 7 5.81 -21.18 -5.71
CA VAL C 7 4.90 -20.98 -6.83
C VAL C 7 4.61 -22.26 -7.59
N LEU C 8 5.62 -23.03 -7.89
CA LEU C 8 5.37 -24.22 -8.65
C LEU C 8 4.57 -25.27 -7.91
N SER C 9 4.82 -25.41 -6.62
CA SER C 9 3.97 -26.29 -5.80
C SER C 9 2.51 -25.87 -5.87
N TYR C 10 2.25 -24.60 -5.68
CA TYR C 10 0.90 -24.07 -5.71
C TYR C 10 0.24 -24.27 -7.08
N VAL C 11 0.94 -23.87 -8.13
CA VAL C 11 0.43 -24.05 -9.51
C VAL C 11 0.16 -25.50 -9.87
N ASN C 12 1.13 -26.38 -9.63
CA ASN C 12 0.90 -27.78 -9.90
C ASN C 12 -0.29 -28.37 -9.07
N GLY C 13 -0.46 -27.88 -7.84
CA GLY C 13 -1.60 -28.18 -6.95
C GLY C 13 -2.94 -27.75 -7.50
N LEU C 14 -2.97 -26.75 -8.37
CA LEU C 14 -4.24 -26.35 -8.94
C LEU C 14 -4.71 -27.22 -10.05
N VAL C 15 -3.85 -28.06 -10.59
CA VAL C 15 -4.25 -28.85 -11.74
C VAL C 15 -5.51 -29.69 -11.46
N GLY C 16 -6.53 -29.55 -12.31
CA GLY C 16 -7.77 -30.25 -12.11
C GLY C 16 -8.83 -29.45 -11.39
N LYS C 17 -8.46 -28.31 -10.85
CA LYS C 17 -9.38 -27.37 -10.20
C LYS C 17 -9.32 -26.06 -11.00
N GLY C 18 -10.07 -25.07 -10.56
CA GLY C 18 -10.03 -23.78 -11.25
C GLY C 18 -10.16 -22.68 -10.24
N VAL C 19 -9.59 -21.52 -10.56
CA VAL C 19 -9.74 -20.35 -9.74
C VAL C 19 -10.40 -19.27 -10.53
N ASP C 20 -11.27 -18.51 -9.85
CA ASP C 20 -12.01 -17.41 -10.46
C ASP C 20 -11.61 -16.18 -9.66
N ALA C 21 -10.79 -15.31 -10.22
CA ALA C 21 -10.25 -14.17 -9.49
C ALA C 21 -11.12 -12.94 -9.58
N ASP C 22 -11.98 -12.89 -10.56
CA ASP C 22 -12.67 -11.67 -10.82
C ASP C 22 -14.17 -11.74 -10.76
N GLY C 23 -14.75 -12.93 -10.62
CA GLY C 23 -16.22 -13.03 -10.59
C GLY C 23 -16.90 -12.89 -11.91
N TRP C 24 -16.19 -13.07 -13.03
CA TRP C 24 -16.75 -13.07 -14.38
C TRP C 24 -16.34 -14.28 -15.15
N TYR C 25 -17.30 -14.93 -15.79
CA TYR C 25 -17.10 -15.97 -16.78
C TYR C 25 -16.34 -17.19 -16.28
N GLY C 26 -16.44 -17.60 -14.91
CA GLY C 26 -15.76 -18.68 -14.17
C GLY C 26 -14.25 -18.62 -14.30
N THR C 27 -13.66 -19.74 -14.72
CA THR C 27 -12.21 -19.89 -14.57
C THR C 27 -11.51 -19.67 -15.91
N GLN C 28 -11.34 -18.40 -16.31
CA GLN C 28 -10.67 -18.03 -17.53
C GLN C 28 -9.15 -18.09 -17.41
N CYS C 29 -8.46 -17.90 -18.51
CA CYS C 29 -6.97 -17.98 -18.47
C CYS C 29 -6.33 -16.93 -17.58
N MET C 30 -6.81 -15.68 -17.72
CA MET C 30 -6.22 -14.62 -16.90
C MET C 30 -6.45 -14.80 -15.39
N ASP C 31 -7.58 -15.43 -15.00
CA ASP C 31 -7.84 -15.74 -13.63
C ASP C 31 -6.70 -16.46 -12.94
N LEU C 32 -6.07 -17.43 -13.62
CA LEU C 32 -4.99 -18.15 -13.00
C LEU C 32 -3.78 -17.26 -12.77
N THR C 33 -3.40 -16.52 -13.81
CA THR C 33 -2.24 -15.65 -13.73
C THR C 33 -2.49 -14.62 -12.66
N VAL C 34 -3.68 -14.07 -12.63
CA VAL C 34 -3.97 -13.04 -11.63
C VAL C 34 -3.95 -13.62 -10.21
N ASP C 35 -4.44 -14.84 -10.04
CA ASP C 35 -4.47 -15.43 -8.73
C ASP C 35 -3.05 -15.59 -8.26
N VAL C 36 -2.25 -16.27 -9.05
CA VAL C 36 -0.87 -16.51 -8.66
C VAL C 36 -0.06 -15.24 -8.41
N MET C 37 -0.16 -14.26 -9.30
CA MET C 37 0.57 -13.07 -9.10
C MET C 37 0.07 -12.32 -7.81
N GLN C 38 -1.22 -12.25 -7.56
CA GLN C 38 -1.75 -11.62 -6.35
C GLN C 38 -1.28 -12.32 -5.06
N ARG C 39 -1.38 -13.64 -5.00
CA ARG C 39 -0.99 -14.35 -3.78
C ARG C 39 0.48 -14.27 -3.49
N PHE C 40 1.31 -14.39 -4.54
CA PHE C 40 2.73 -14.46 -4.30
C PHE C 40 3.49 -13.14 -4.36
N PHE C 41 3.07 -12.26 -5.23
CA PHE C 41 3.77 -11.00 -5.42
C PHE C 41 2.98 -9.75 -5.06
N GLY C 42 1.74 -9.90 -4.68
CA GLY C 42 0.90 -8.74 -4.31
C GLY C 42 0.62 -7.88 -5.54
N TRP C 43 0.73 -8.45 -6.73
CA TRP C 43 0.50 -7.73 -8.00
C TRP C 43 -0.82 -8.25 -8.59
N ARG C 44 -1.79 -7.35 -8.88
CA ARG C 44 -2.99 -7.74 -9.67
C ARG C 44 -2.85 -7.21 -11.12
N PRO C 45 -2.46 -8.08 -12.06
CA PRO C 45 -2.40 -7.65 -13.44
C PRO C 45 -3.75 -7.18 -13.88
N TYR C 46 -3.73 -6.27 -14.82
CA TYR C 46 -4.93 -5.63 -15.30
C TYR C 46 -5.35 -6.18 -16.65
N GLY C 47 -6.65 -6.23 -16.91
CA GLY C 47 -7.13 -6.48 -18.25
C GLY C 47 -7.22 -7.93 -18.65
N ASN C 48 -7.37 -8.15 -19.93
CA ASN C 48 -7.34 -9.49 -20.53
C ASN C 48 -5.90 -9.89 -20.66
N ALA C 49 -5.65 -11.13 -21.05
CA ALA C 49 -4.32 -11.61 -21.24
C ALA C 49 -3.45 -10.78 -22.12
N ILE C 50 -4.00 -10.26 -23.23
CA ILE C 50 -3.25 -9.51 -24.17
C ILE C 50 -2.68 -8.23 -23.60
N ALA C 51 -3.34 -7.66 -22.59
CA ALA C 51 -2.81 -6.50 -21.88
C ALA C 51 -1.53 -6.79 -21.12
N LEU C 52 -1.23 -8.06 -20.83
CA LEU C 52 0.15 -8.34 -20.33
C LEU C 52 1.33 -7.90 -21.26
N VAL C 53 1.10 -7.71 -22.54
CA VAL C 53 2.16 -7.34 -23.49
C VAL C 53 2.70 -5.98 -23.11
N ASP C 54 1.84 -5.08 -22.68
CA ASP C 54 2.39 -3.73 -22.51
C ASP C 54 1.97 -2.97 -21.25
N GLN C 55 1.23 -3.58 -20.34
CA GLN C 55 0.90 -2.85 -19.12
C GLN C 55 2.15 -2.70 -18.25
N PRO C 56 2.20 -1.65 -17.42
CA PRO C 56 3.34 -1.51 -16.51
C PRO C 56 3.46 -2.67 -15.51
N LEU C 57 4.71 -2.90 -15.09
CA LEU C 57 5.03 -4.01 -14.22
C LEU C 57 5.63 -3.52 -12.93
N PRO C 58 5.41 -4.24 -11.83
CA PRO C 58 5.99 -3.85 -10.57
C PRO C 58 7.50 -3.97 -10.58
N ALA C 59 8.12 -3.31 -9.62
CA ALA C 59 9.56 -3.40 -9.42
C ALA C 59 10.07 -4.81 -9.44
N GLY C 60 11.19 -5.02 -10.14
CA GLY C 60 11.83 -6.32 -10.18
C GLY C 60 11.37 -7.21 -11.35
N PHE C 61 10.17 -6.97 -11.90
CA PHE C 61 9.65 -7.77 -13.01
C PHE C 61 10.31 -7.41 -14.35
N GLN C 62 10.51 -8.41 -15.18
CA GLN C 62 11.05 -8.26 -16.51
C GLN C 62 10.07 -8.83 -17.50
N ARG C 63 10.07 -8.26 -18.67
CA ARG C 63 9.25 -8.76 -19.79
C ARG C 63 10.12 -8.94 -20.99
N ILE C 64 9.99 -10.09 -21.67
CA ILE C 64 10.85 -10.49 -22.74
C ILE C 64 10.02 -11.05 -23.88
N ARG C 65 10.17 -10.49 -25.06
CA ARG C 65 9.65 -11.07 -26.30
C ARG C 65 10.44 -12.33 -26.58
N THR C 66 9.79 -13.46 -26.78
CA THR C 66 10.54 -14.68 -26.94
C THR C 66 10.42 -15.17 -28.37
N THR C 67 11.58 -15.40 -28.97
CA THR C 67 11.74 -16.00 -30.29
C THR C 67 11.82 -17.54 -30.18
N SER C 68 12.14 -18.07 -29.00
CA SER C 68 12.47 -19.49 -28.87
C SER C 68 12.03 -19.98 -27.51
N SER C 69 11.62 -21.25 -27.44
CA SER C 69 11.18 -21.88 -26.24
C SER C 69 12.28 -21.98 -25.25
N THR C 70 13.52 -22.00 -25.74
CA THR C 70 14.63 -22.10 -24.84
C THR C 70 14.83 -20.88 -23.99
N GLN C 71 14.17 -19.75 -24.28
CA GLN C 71 14.22 -18.61 -23.43
C GLN C 71 13.25 -18.70 -22.20
N ILE C 72 12.36 -19.69 -22.16
CA ILE C 72 11.30 -19.79 -21.16
C ILE C 72 11.95 -20.46 -19.96
N LYS C 73 11.73 -19.86 -18.81
CA LYS C 73 12.17 -20.41 -17.53
C LYS C 73 10.99 -20.79 -16.69
N ALA C 74 11.16 -21.78 -15.81
CA ALA C 74 10.12 -22.16 -14.92
C ALA C 74 9.71 -20.97 -14.03
N GLY C 75 8.42 -20.76 -13.96
CA GLY C 75 7.81 -19.73 -13.10
C GLY C 75 7.53 -18.43 -13.90
N ASP C 76 7.82 -18.47 -15.16
CA ASP C 76 7.50 -17.36 -16.10
C ASP C 76 6.01 -17.35 -16.31
N VAL C 77 5.46 -16.16 -16.47
CA VAL C 77 4.06 -15.98 -16.90
C VAL C 77 4.12 -15.91 -18.44
N MET C 78 3.44 -16.81 -19.14
CA MET C 78 3.44 -16.92 -20.55
C MET C 78 2.37 -16.06 -21.10
N ILE C 79 2.70 -15.47 -22.19
CA ILE C 79 1.82 -14.60 -22.93
C ILE C 79 1.70 -15.04 -24.39
N TRP C 80 0.47 -15.31 -24.83
CA TRP C 80 0.14 -15.51 -26.21
C TRP C 80 -0.48 -14.27 -26.71
N GLY C 81 0.07 -13.74 -27.79
CA GLY C 81 -0.48 -12.47 -28.33
C GLY C 81 -0.46 -12.29 -29.83
N LEU C 82 -0.19 -13.35 -30.60
CA LEU C 82 0.03 -13.25 -32.04
C LEU C 82 -0.99 -14.05 -32.74
N GLY C 83 -1.38 -13.62 -33.94
CA GLY C 83 -2.32 -14.43 -34.71
C GLY C 83 -3.72 -14.37 -34.12
N TYR C 84 -4.36 -15.53 -33.95
CA TYR C 84 -5.66 -15.63 -33.22
C TYR C 84 -5.66 -14.99 -31.83
N TYR C 85 -4.52 -15.00 -31.15
CA TYR C 85 -4.44 -14.56 -29.82
C TYR C 85 -4.29 -13.04 -29.73
N ALA C 86 -4.21 -12.33 -30.87
CA ALA C 86 -3.93 -10.90 -30.82
C ALA C 86 -5.13 -10.20 -30.22
N GLN C 87 -6.32 -10.77 -30.36
CA GLN C 87 -7.48 -10.06 -29.84
C GLN C 87 -7.59 -10.01 -28.31
N TYR C 88 -7.62 -11.19 -27.67
CA TYR C 88 -7.79 -11.33 -26.24
C TYR C 88 -6.58 -11.87 -25.48
N GLY C 89 -5.73 -12.59 -26.20
CA GLY C 89 -4.58 -13.26 -25.63
C GLY C 89 -4.88 -14.58 -24.92
N HIS C 90 -3.81 -15.19 -24.45
CA HIS C 90 -3.92 -16.32 -23.54
C HIS C 90 -2.76 -16.21 -22.60
N THR C 91 -2.84 -16.89 -21.45
CA THR C 91 -1.77 -16.86 -20.48
C THR C 91 -1.83 -18.11 -19.67
N GLY C 92 -0.74 -18.37 -18.96
CA GLY C 92 -0.68 -19.50 -18.03
C GLY C 92 0.74 -19.43 -17.43
N ILE C 93 1.10 -20.40 -16.58
CA ILE C 93 2.36 -20.32 -15.88
C ILE C 93 3.28 -21.45 -16.33
N ALA C 94 4.52 -21.12 -16.68
CA ALA C 94 5.55 -22.14 -17.16
C ALA C 94 5.97 -22.91 -15.91
N THR C 95 5.92 -24.22 -15.98
CA THR C 95 6.23 -25.05 -14.79
C THR C 95 7.59 -25.70 -14.89
N GLU C 96 8.18 -25.52 -16.07
CA GLU C 96 9.48 -26.06 -16.41
C GLU C 96 10.21 -25.11 -17.32
N ASP C 97 11.53 -25.20 -17.43
CA ASP C 97 12.23 -24.45 -18.47
C ASP C 97 11.78 -24.92 -19.86
N GLY C 98 11.83 -24.06 -20.86
CA GLY C 98 11.44 -24.46 -22.17
C GLY C 98 12.42 -25.44 -22.74
N ARG C 99 11.94 -26.28 -23.64
CA ARG C 99 12.78 -27.34 -24.19
C ARG C 99 13.43 -27.01 -25.54
N ALA C 100 14.49 -27.74 -25.87
CA ALA C 100 15.28 -27.52 -27.07
C ALA C 100 14.51 -27.80 -28.37
N ASP C 101 13.50 -28.65 -28.32
CA ASP C 101 12.69 -29.00 -29.49
C ASP C 101 11.58 -27.98 -29.81
N GLY C 102 11.64 -26.78 -29.24
CA GLY C 102 10.60 -25.79 -29.50
C GLY C 102 9.30 -25.91 -28.67
N THR C 103 9.30 -26.73 -27.63
CA THR C 103 8.11 -26.88 -26.79
C THR C 103 8.38 -26.44 -25.37
N PHE C 104 7.29 -26.32 -24.62
CA PHE C 104 7.34 -26.03 -23.22
C PHE C 104 6.08 -26.55 -22.52
N VAL C 105 6.13 -26.60 -21.19
CA VAL C 105 5.02 -26.95 -20.39
C VAL C 105 4.54 -25.79 -19.52
N SER C 106 3.26 -25.47 -19.57
CA SER C 106 2.64 -24.51 -18.70
C SER C 106 1.29 -25.07 -18.13
N VAL C 107 0.85 -24.54 -16.96
CA VAL C 107 -0.46 -24.84 -16.41
C VAL C 107 -1.32 -23.65 -16.74
N ASP C 108 -2.39 -23.92 -17.44
CA ASP C 108 -3.24 -22.88 -18.02
C ASP C 108 -4.68 -23.25 -17.71
N GLN C 109 -5.54 -22.25 -17.51
CA GLN C 109 -7.00 -22.44 -17.55
C GLN C 109 -7.54 -22.08 -18.85
N ASN C 110 -8.63 -22.76 -19.21
CA ASN C 110 -9.37 -22.46 -20.42
C ASN C 110 -8.64 -22.71 -21.70
N TRP C 111 -7.80 -23.73 -21.68
CA TRP C 111 -7.08 -24.18 -22.86
C TRP C 111 -7.75 -25.44 -23.35
N ILE C 112 -7.77 -26.45 -22.52
CA ILE C 112 -8.52 -27.69 -22.79
C ILE C 112 -10.01 -27.46 -22.52
N ASN C 113 -10.85 -27.84 -23.48
CA ASN C 113 -12.34 -27.66 -23.34
C ASN C 113 -12.64 -26.23 -22.97
N PRO C 114 -12.24 -25.32 -23.83
CA PRO C 114 -12.47 -23.91 -23.48
C PRO C 114 -13.91 -23.53 -23.52
N SER C 115 -14.26 -22.54 -22.69
CA SER C 115 -15.63 -22.11 -22.58
C SER C 115 -15.66 -20.64 -22.37
N LEU C 116 -16.41 -19.94 -23.23
CA LEU C 116 -16.64 -18.51 -23.05
C LEU C 116 -17.43 -18.15 -21.78
N GLU C 117 -18.31 -19.04 -21.32
CA GLU C 117 -19.23 -18.77 -20.25
C GLU C 117 -18.63 -19.11 -18.88
N VAL C 118 -17.97 -20.26 -18.76
CA VAL C 118 -17.50 -20.76 -17.45
C VAL C 118 -15.99 -21.12 -17.39
N GLY C 119 -15.31 -20.97 -18.50
CA GLY C 119 -13.88 -21.28 -18.61
C GLY C 119 -13.79 -22.74 -18.29
N SER C 120 -12.29 -23.17 -17.95
CA SER C 120 -12.27 -24.60 -17.69
C SER C 120 -11.16 -24.74 -16.72
N PRO C 121 -11.06 -25.88 -16.10
CA PRO C 121 -10.04 -26.08 -15.07
C PRO C 121 -8.60 -26.00 -15.55
N ALA C 122 -7.72 -25.76 -14.60
CA ALA C 122 -6.31 -25.68 -14.84
C ALA C 122 -5.84 -27.05 -15.31
N ALA C 123 -4.99 -27.04 -16.32
CA ALA C 123 -4.37 -28.26 -16.81
C ALA C 123 -2.96 -28.01 -17.14
N ALA C 124 -2.15 -29.05 -17.09
CA ALA C 124 -0.77 -28.96 -17.48
C ALA C 124 -0.69 -29.33 -18.96
N ILE C 125 -0.24 -28.37 -19.77
CA ILE C 125 -0.26 -28.44 -21.22
C ILE C 125 1.17 -28.42 -21.81
N HIS C 126 1.47 -29.38 -22.69
CA HIS C 126 2.69 -29.38 -23.48
C HIS C 126 2.43 -28.55 -24.72
N HIS C 127 2.91 -27.31 -24.72
CA HIS C 127 2.68 -26.38 -25.84
C HIS C 127 3.82 -26.32 -26.85
N ASN C 128 3.52 -25.84 -28.05
CA ASN C 128 4.52 -25.28 -28.92
C ASN C 128 4.42 -23.73 -28.86
N MET C 129 5.20 -23.12 -29.71
CA MET C 129 5.37 -21.69 -29.69
C MET C 129 4.40 -20.95 -30.62
N ASP C 130 3.43 -21.64 -31.20
CA ASP C 130 2.44 -20.97 -32.08
C ASP C 130 1.61 -19.94 -31.30
N GLY C 131 1.66 -18.69 -31.75
CA GLY C 131 1.00 -17.54 -31.08
C GLY C 131 1.67 -16.90 -29.88
N VAL C 132 2.75 -17.49 -29.39
CA VAL C 132 3.46 -16.97 -28.21
C VAL C 132 4.16 -15.68 -28.48
N TRP C 133 3.89 -14.69 -27.65
CA TRP C 133 4.55 -13.39 -27.74
C TRP C 133 5.78 -13.38 -26.89
N GLY C 134 5.65 -13.87 -25.68
CA GLY C 134 6.76 -13.78 -24.71
C GLY C 134 6.41 -14.12 -23.28
N VAL C 135 7.18 -13.59 -22.32
CA VAL C 135 7.06 -13.93 -20.97
C VAL C 135 7.13 -12.71 -20.09
N ILE C 136 6.48 -12.79 -18.94
CA ILE C 136 6.79 -11.89 -17.78
C ILE C 136 7.51 -12.76 -16.82
N ARG C 137 8.71 -12.33 -16.46
CA ARG C 137 9.55 -13.05 -15.50
C ARG C 137 9.49 -12.34 -14.15
N PRO C 138 8.80 -12.95 -13.17
CA PRO C 138 8.74 -12.37 -11.79
C PRO C 138 10.14 -12.50 -11.18
N PRO C 139 10.41 -11.70 -10.19
CA PRO C 139 11.69 -11.75 -9.44
C PRO C 139 11.68 -12.85 -8.37
N TYR C 140 12.26 -13.99 -8.68
CA TYR C 140 12.32 -15.10 -7.75
C TYR C 140 13.67 -15.02 -6.99
N GLU C 141 13.73 -15.57 -5.79
CA GLU C 141 15.01 -15.81 -5.05
C GLU C 141 16.05 -16.62 -5.84
N ALA C 142 17.33 -16.24 -5.70
CA ALA C 142 18.49 -17.02 -6.19
C ALA C 142 18.68 -17.09 -7.73
N ALA C 143 17.92 -16.30 -8.50
CA ALA C 143 18.00 -16.31 -9.99
C ALA C 143 17.23 -15.14 -10.60
N MET C 168 2.85 4.02 2.62
CA MET C 168 3.62 4.37 1.43
C MET C 168 3.38 3.21 0.45
N PHE C 169 2.86 3.48 -0.74
CA PHE C 169 2.68 2.44 -1.77
C PHE C 169 2.44 3.11 -3.13
N ILE C 170 2.46 2.30 -4.20
CA ILE C 170 2.15 2.78 -5.56
C ILE C 170 0.92 2.11 -6.00
N TYR C 171 0.14 2.80 -6.81
CA TYR C 171 -1.02 2.25 -7.45
C TYR C 171 -1.02 2.77 -8.85
N TYR C 172 -1.72 2.04 -9.72
CA TYR C 172 -1.83 2.49 -11.10
C TYR C 172 -3.22 2.90 -11.34
N LYS C 173 -3.36 3.85 -12.25
CA LYS C 173 -4.72 4.34 -12.61
C LYS C 173 -4.87 4.28 -14.15
N ARG C 174 -5.95 3.67 -14.57
CA ARG C 174 -6.30 3.58 -15.99
C ARG C 174 -7.21 4.75 -16.25
N THR C 175 -6.77 5.67 -17.07
CA THR C 175 -7.46 6.94 -17.25
C THR C 175 -8.58 6.77 -18.27
N LYS C 176 -9.55 7.67 -18.25
CA LYS C 176 -10.64 7.75 -19.26
C LYS C 176 -10.11 7.65 -20.67
N GLN C 177 -9.03 8.38 -20.93
CA GLN C 177 -8.44 8.39 -22.27
C GLN C 177 -7.65 7.14 -22.64
N GLY C 178 -7.55 6.16 -21.74
CA GLY C 178 -6.88 4.90 -22.07
C GLY C 178 -5.38 4.88 -21.90
N SER C 179 -4.89 5.57 -20.88
CA SER C 179 -3.47 5.48 -20.51
C SER C 179 -3.40 4.86 -19.10
N THR C 180 -2.22 4.41 -18.72
CA THR C 180 -2.00 3.96 -17.36
C THR C 180 -0.95 4.83 -16.65
N GLU C 181 -1.40 5.56 -15.63
CA GLU C 181 -0.55 6.41 -14.77
C GLU C 181 -0.10 5.71 -13.54
N GLN C 182 1.11 5.96 -13.07
CA GLN C 182 1.54 5.42 -11.82
C GLN C 182 1.47 6.57 -10.78
N TRP C 183 0.98 6.25 -9.58
CA TRP C 183 0.78 7.18 -8.50
C TRP C 183 1.43 6.67 -7.24
N PHE C 184 1.97 7.57 -6.42
CA PHE C 184 2.67 7.23 -5.16
C PHE C 184 1.97 7.85 -4.01
N VAL C 185 1.64 7.04 -3.01
CA VAL C 185 1.05 7.50 -1.79
C VAL C 185 2.12 7.58 -0.75
N ILE C 186 2.26 8.76 -0.14
CA ILE C 186 3.24 9.00 0.89
C ILE C 186 2.80 10.20 1.73
N GLY C 187 2.97 10.07 3.04
CA GLY C 187 2.57 11.14 4.00
C GLY C 187 1.12 11.58 3.90
N GLY C 188 0.22 10.65 3.60
CA GLY C 188 -1.18 11.01 3.44
C GLY C 188 -1.45 11.82 2.18
N LYS C 189 -0.52 11.82 1.22
CA LYS C 189 -0.69 12.54 -0.04
C LYS C 189 -0.51 11.57 -1.22
N ARG C 190 -0.87 12.02 -2.39
CA ARG C 190 -0.65 11.24 -3.56
C ARG C 190 0.14 12.03 -4.61
N ILE C 191 1.10 11.38 -5.22
CA ILE C 191 1.98 12.03 -6.20
C ILE C 191 1.91 11.29 -7.51
N TYR C 192 1.54 11.96 -8.60
CA TYR C 192 1.67 11.43 -9.94
C TYR C 192 3.14 11.30 -10.31
N LEU C 193 3.54 10.09 -10.72
CA LEU C 193 4.92 9.83 -11.08
C LEU C 193 5.14 10.04 -12.61
N PRO C 194 5.82 11.12 -13.02
CA PRO C 194 5.87 11.42 -14.47
C PRO C 194 6.79 10.57 -15.32
N THR C 195 7.83 10.02 -14.73
CA THR C 195 8.79 9.23 -15.47
C THR C 195 9.15 8.01 -14.72
N MET C 196 9.89 7.12 -15.41
CA MET C 196 10.32 5.92 -14.78
C MET C 196 11.37 6.19 -13.71
N THR C 197 12.07 7.30 -13.76
CA THR C 197 13.06 7.61 -12.68
C THR C 197 12.34 8.00 -11.42
N TYR C 198 11.21 8.69 -11.57
CA TYR C 198 10.35 8.92 -10.43
C TYR C 198 9.82 7.60 -9.85
N VAL C 199 9.46 6.68 -10.72
CA VAL C 199 8.99 5.35 -10.30
C VAL C 199 10.06 4.65 -9.50
N ASN C 200 11.24 4.57 -10.07
CA ASN C 200 12.35 3.93 -9.39
C ASN C 200 12.70 4.54 -8.03
N GLU C 201 12.72 5.85 -7.97
CA GLU C 201 12.94 6.48 -6.68
C GLU C 201 11.81 6.20 -5.63
N ALA C 202 10.54 6.22 -6.05
CA ALA C 202 9.45 5.88 -5.16
C ALA C 202 9.59 4.45 -4.70
N ASN C 203 9.96 3.52 -5.60
CA ASN C 203 10.20 2.15 -5.13
C ASN C 203 11.37 2.02 -4.14
N ASP C 204 12.35 2.87 -4.30
CA ASP C 204 13.46 2.88 -3.35
C ASP C 204 13.01 3.36 -1.99
N LEU C 205 12.15 4.39 -1.96
CA LEU C 205 11.55 4.83 -0.71
C LEU C 205 10.78 3.70 -0.03
N ILE C 206 9.91 3.04 -0.82
CA ILE C 206 9.19 1.90 -0.34
C ILE C 206 10.05 0.87 0.32
N LYS C 207 11.15 0.55 -0.34
CA LYS C 207 12.11 -0.41 0.21
C LYS C 207 12.76 0.02 1.53
N ARG C 208 13.21 1.26 1.58
CA ARG C 208 13.88 1.78 2.76
C ARG C 208 13.01 1.89 4.02
N TYR C 209 11.81 2.34 3.83
CA TYR C 209 10.97 2.78 4.90
C TYR C 209 9.80 1.82 5.19
N GLY C 210 9.90 0.63 4.60
CA GLY C 210 8.93 -0.45 4.80
C GLY C 210 7.55 -0.11 4.30
N GLY C 211 7.48 0.48 3.12
CA GLY C 211 6.20 0.67 2.45
C GLY C 211 5.63 -0.65 1.96
N ASN C 212 4.41 -0.61 1.42
CA ASN C 212 3.70 -1.78 0.94
C ASN C 212 4.02 -1.96 -0.52
N THR C 213 4.40 -3.16 -0.97
CA THR C 213 4.78 -3.38 -2.37
C THR C 213 3.66 -3.89 -3.27
N ASN C 214 2.44 -3.91 -2.78
CA ASN C 214 1.25 -4.20 -3.59
C ASN C 214 1.13 -3.27 -4.77
N VAL C 215 0.75 -3.81 -5.90
CA VAL C 215 0.47 -3.02 -7.10
C VAL C 215 -0.83 -3.46 -7.71
N THR C 216 -1.77 -2.54 -7.78
CA THR C 216 -3.06 -2.82 -8.35
C THR C 216 -3.33 -1.64 -9.32
N THR C 217 -4.15 -1.92 -10.31
CA THR C 217 -4.64 -0.88 -11.24
C THR C 217 -6.10 -0.60 -10.96
N TYR C 218 -6.47 0.69 -10.88
CA TYR C 218 -7.86 1.08 -10.69
C TYR C 218 -8.37 1.80 -11.92
N ASN C 219 -9.57 1.47 -12.39
CA ASN C 219 -10.17 2.29 -13.46
C ASN C 219 -10.56 3.62 -12.86
N HIS C 220 -10.52 4.65 -13.66
CA HIS C 220 -10.78 5.97 -13.14
C HIS C 220 -12.11 6.15 -12.38
N ASP C 221 -13.13 5.35 -12.69
CA ASP C 221 -14.45 5.39 -12.04
C ASP C 221 -14.62 4.42 -10.87
N ASN C 222 -13.58 3.67 -10.52
CA ASN C 222 -13.64 2.79 -9.35
C ASN C 222 -13.83 3.57 -8.03
N PHE C 223 -14.72 3.09 -7.17
CA PHE C 223 -14.98 3.73 -5.91
C PHE C 223 -13.82 3.63 -4.92
N GLY C 224 -13.04 2.57 -4.99
CA GLY C 224 -11.82 2.49 -4.18
C GLY C 224 -10.90 3.67 -4.49
N LEU C 225 -10.64 3.85 -5.78
CA LEU C 225 -9.86 4.98 -6.26
C LEU C 225 -10.51 6.28 -5.84
N LYS C 226 -11.82 6.40 -6.03
CA LYS C 226 -12.46 7.69 -5.60
C LYS C 226 -12.28 8.01 -4.14
N MET C 227 -12.30 6.99 -3.29
CA MET C 227 -12.08 7.23 -1.87
C MET C 227 -10.64 7.64 -1.64
N MET C 228 -9.72 6.92 -2.27
CA MET C 228 -8.31 7.29 -2.11
C MET C 228 -8.09 8.71 -2.60
N GLU C 229 -8.69 9.07 -3.71
CA GLU C 229 -8.41 10.39 -4.27
C GLU C 229 -9.01 11.48 -3.39
N ALA C 230 -10.10 11.16 -2.69
CA ALA C 230 -10.71 12.15 -1.80
C ALA C 230 -10.03 12.27 -0.49
N ALA C 231 -9.45 11.20 0.01
CA ALA C 231 -8.78 11.21 1.28
C ALA C 231 -7.33 11.72 1.20
N LEU C 232 -6.66 11.59 0.05
CA LEU C 232 -5.23 11.85 -0.05
C LEU C 232 -5.05 12.98 -1.04
N PRO C 233 -4.85 14.21 -0.57
CA PRO C 233 -4.68 15.27 -1.54
C PRO C 233 -3.50 15.05 -2.47
N GLN C 234 -3.64 15.55 -3.69
CA GLN C 234 -2.56 15.49 -4.64
C GLN C 234 -1.50 16.52 -4.33
N VAL C 235 -0.23 16.16 -4.43
CA VAL C 235 0.83 17.13 -4.45
C VAL C 235 1.73 16.87 -5.64
N LYS C 236 2.36 17.93 -6.13
CA LYS C 236 3.11 17.90 -7.38
C LYS C 236 4.58 17.83 -7.12
N VAL C 237 5.28 17.10 -7.97
CA VAL C 237 6.72 17.07 -7.95
C VAL C 237 7.26 17.38 -9.35
N MET D 1 -5.25 2.14 8.19
CA MET D 1 -6.61 2.05 7.54
C MET D 1 -7.43 1.02 8.30
N PHE D 2 -8.70 1.30 8.53
CA PHE D 2 -9.61 0.31 9.11
C PHE D 2 -11.05 0.71 8.90
N ILE D 3 -11.93 -0.23 9.18
CA ILE D 3 -13.42 0.06 9.17
C ILE D 3 -13.98 -0.07 10.55
N TYR D 4 -14.91 0.79 10.92
CA TYR D 4 -15.65 0.61 12.12
C TYR D 4 -17.12 0.83 11.84
N TYR D 5 -17.94 0.39 12.77
CA TYR D 5 -19.39 0.60 12.71
C TYR D 5 -19.83 1.59 13.77
N LYS D 6 -20.83 2.38 13.43
CA LYS D 6 -21.38 3.39 14.31
C LYS D 6 -22.88 3.16 14.46
N ARG D 7 -23.34 2.94 15.69
CA ARG D 7 -24.82 2.84 15.98
C ARG D 7 -25.29 4.26 16.24
N THR D 8 -26.14 4.78 15.35
CA THR D 8 -26.45 6.20 15.27
C THR D 8 -27.62 6.48 16.23
N LYS D 9 -27.88 7.77 16.45
CA LYS D 9 -28.99 8.25 17.28
C LYS D 9 -30.30 7.58 16.81
N GLN D 10 -30.57 7.66 15.51
CA GLN D 10 -31.81 7.15 14.91
C GLN D 10 -31.89 5.62 14.75
N GLY D 11 -30.93 4.86 15.29
CA GLY D 11 -31.03 3.42 15.35
C GLY D 11 -30.39 2.62 14.21
N SER D 12 -29.89 3.27 13.17
CA SER D 12 -29.23 2.53 12.09
C SER D 12 -27.79 2.22 12.46
N THR D 13 -27.19 1.26 11.78
CA THR D 13 -25.79 0.93 11.92
C THR D 13 -25.02 1.27 10.65
N GLU D 14 -24.05 2.17 10.78
CA GLU D 14 -23.31 2.70 9.65
C GLU D 14 -21.88 2.19 9.60
N GLN D 15 -21.42 1.91 8.38
CA GLN D 15 -20.02 1.52 8.18
C GLN D 15 -19.20 2.74 7.87
N TRP D 16 -18.02 2.85 8.47
CA TRP D 16 -17.14 4.00 8.24
C TRP D 16 -15.69 3.52 7.95
N PHE D 17 -14.99 4.21 7.09
CA PHE D 17 -13.65 3.77 6.66
C PHE D 17 -12.66 4.83 7.08
N VAL D 18 -11.57 4.44 7.75
CA VAL D 18 -10.49 5.37 8.09
C VAL D 18 -9.35 5.07 7.16
N ILE D 19 -8.92 6.09 6.43
CA ILE D 19 -7.80 6.04 5.52
C ILE D 19 -7.23 7.46 5.39
N GLY D 20 -5.91 7.56 5.37
CA GLY D 20 -5.22 8.86 5.14
C GLY D 20 -5.45 9.88 6.24
N GLY D 21 -5.69 9.42 7.47
CA GLY D 21 -6.08 10.33 8.57
C GLY D 21 -7.47 10.96 8.37
N LYS D 22 -8.27 10.36 7.55
CA LYS D 22 -9.63 10.83 7.28
C LYS D 22 -10.62 9.71 7.49
N ARG D 23 -11.91 10.06 7.57
CA ARG D 23 -12.92 9.04 7.58
C ARG D 23 -13.96 9.28 6.50
N ILE D 24 -14.42 8.16 5.93
CA ILE D 24 -15.36 8.14 4.83
C ILE D 24 -16.56 7.26 5.27
N TYR D 25 -17.77 7.81 5.27
CA TYR D 25 -18.96 7.04 5.45
C TYR D 25 -19.18 6.15 4.22
N LEU D 26 -19.45 4.86 4.47
CA LEU D 26 -19.65 3.91 3.40
C LEU D 26 -21.14 3.56 3.27
N PRO D 27 -21.86 4.29 2.41
CA PRO D 27 -23.34 4.19 2.53
C PRO D 27 -23.96 2.94 1.97
N THR D 28 -23.27 2.30 1.04
CA THR D 28 -23.85 1.16 0.34
C THR D 28 -22.89 0.04 0.19
N MET D 29 -23.44 -1.13 -0.16
N MET D 29 -23.41 -1.15 -0.12
CA MET D 29 -22.62 -2.32 -0.41
CA MET D 29 -22.54 -2.33 -0.28
C MET D 29 -21.40 -2.07 -1.31
C MET D 29 -21.41 -2.15 -1.34
N THR D 30 -21.61 -1.27 -2.32
CA THR D 30 -20.57 -1.01 -3.31
C THR D 30 -19.31 -0.33 -2.67
N TYR D 31 -19.55 0.72 -1.86
CA TYR D 31 -18.50 1.29 -1.05
C TYR D 31 -17.85 0.29 -0.14
N VAL D 32 -18.65 -0.55 0.50
CA VAL D 32 -18.16 -1.42 1.54
C VAL D 32 -17.24 -2.45 0.91
N ASN D 33 -17.64 -2.97 -0.22
CA ASN D 33 -16.78 -3.96 -0.92
C ASN D 33 -15.41 -3.39 -1.30
N GLU D 34 -15.42 -2.17 -1.82
CA GLU D 34 -14.22 -1.50 -2.26
C GLU D 34 -13.30 -1.17 -1.10
N ALA D 35 -13.88 -0.75 0.02
CA ALA D 35 -13.08 -0.46 1.20
C ALA D 35 -12.45 -1.72 1.76
N ASN D 36 -13.21 -2.80 1.80
CA ASN D 36 -12.65 -4.05 2.27
C ASN D 36 -11.49 -4.51 1.39
N ASP D 37 -11.64 -4.32 0.10
CA ASP D 37 -10.51 -4.63 -0.79
C ASP D 37 -9.28 -3.76 -0.57
N LEU D 38 -9.45 -2.47 -0.23
CA LEU D 38 -8.30 -1.64 0.08
C LEU D 38 -7.57 -2.18 1.30
N ILE D 39 -8.34 -2.56 2.30
CA ILE D 39 -7.79 -3.11 3.56
C ILE D 39 -6.95 -4.34 3.29
N LYS D 40 -7.46 -5.22 2.45
CA LYS D 40 -6.69 -6.41 2.19
C LYS D 40 -5.41 -6.04 1.43
N ARG D 41 -5.49 -5.17 0.41
CA ARG D 41 -4.30 -4.82 -0.36
C ARG D 41 -3.21 -4.17 0.44
N TYR D 42 -3.58 -3.20 1.27
CA TYR D 42 -2.59 -2.30 1.84
C TYR D 42 -2.33 -2.56 3.30
N GLY D 43 -2.63 -3.79 3.75
CA GLY D 43 -2.34 -4.14 5.14
C GLY D 43 -3.03 -3.25 6.15
N GLY D 44 -4.32 -3.03 5.95
CA GLY D 44 -5.14 -2.34 6.95
C GLY D 44 -5.47 -3.29 8.09
N ASN D 45 -5.99 -2.71 9.15
CA ASN D 45 -6.29 -3.43 10.32
C ASN D 45 -7.67 -4.04 10.12
N THR D 46 -7.82 -5.31 10.48
CA THR D 46 -9.08 -6.00 10.28
C THR D 46 -9.96 -6.05 11.54
N ASN D 47 -9.60 -5.40 12.67
CA ASN D 47 -10.55 -5.21 13.75
C ASN D 47 -11.82 -4.50 13.24
N VAL D 48 -12.96 -5.09 13.53
CA VAL D 48 -14.25 -4.41 13.31
C VAL D 48 -14.93 -4.26 14.65
N THR D 49 -15.09 -3.02 15.09
CA THR D 49 -15.77 -2.75 16.33
C THR D 49 -16.96 -1.82 16.03
N THR D 50 -18.04 -2.06 16.78
CA THR D 50 -19.19 -1.18 16.81
C THR D 50 -19.17 -0.17 17.96
N TYR D 51 -19.33 1.10 17.66
CA TYR D 51 -19.35 2.20 18.61
C TYR D 51 -20.76 2.79 18.63
N ASN D 52 -21.32 2.98 19.81
CA ASN D 52 -22.52 3.81 19.98
C ASN D 52 -22.15 5.23 19.71
N HIS D 53 -23.06 6.01 19.15
CA HIS D 53 -22.74 7.36 18.74
C HIS D 53 -22.14 8.30 19.84
N ASP D 54 -22.45 8.00 21.09
CA ASP D 54 -21.94 8.78 22.25
C ASP D 54 -20.67 8.23 22.94
N ASN D 55 -20.09 7.16 22.40
CA ASN D 55 -18.86 6.59 22.91
C ASN D 55 -17.69 7.59 22.75
N PHE D 56 -16.92 7.82 23.82
CA PHE D 56 -15.80 8.81 23.78
C PHE D 56 -14.64 8.44 22.83
N GLY D 57 -14.38 7.15 22.68
CA GLY D 57 -13.41 6.62 21.69
C GLY D 57 -13.81 7.07 20.29
N LEU D 58 -15.06 6.84 19.95
CA LEU D 58 -15.62 7.41 18.74
C LEU D 58 -15.50 8.92 18.63
N LYS D 59 -15.93 9.65 19.68
CA LYS D 59 -15.75 11.08 19.68
C LYS D 59 -14.30 11.54 19.39
N MET D 60 -13.33 10.89 19.98
CA MET D 60 -11.94 11.21 19.71
C MET D 60 -11.52 10.92 18.27
N MET D 61 -11.90 9.74 17.77
CA MET D 61 -11.74 9.48 16.35
C MET D 61 -12.39 10.55 15.45
N GLU D 62 -13.58 11.01 15.80
CA GLU D 62 -14.27 11.93 14.91
C GLU D 62 -13.60 13.32 14.98
N ALA D 63 -13.03 13.66 16.13
CA ALA D 63 -12.39 14.98 16.28
C ALA D 63 -11.07 14.95 15.52
N ALA D 64 -10.36 13.84 15.60
CA ALA D 64 -9.06 13.71 14.98
C ALA D 64 -9.01 13.42 13.46
N LEU D 65 -10.07 12.81 12.92
CA LEU D 65 -10.07 12.28 11.58
C LEU D 65 -11.17 13.00 10.86
N PRO D 66 -10.85 14.07 10.09
CA PRO D 66 -11.95 14.78 9.40
C PRO D 66 -12.71 13.84 8.44
N GLN D 67 -13.97 14.12 8.24
CA GLN D 67 -14.77 13.40 7.27
C GLN D 67 -14.55 13.93 5.83
N VAL D 68 -14.41 13.04 4.87
CA VAL D 68 -14.35 13.46 3.46
C VAL D 68 -15.42 12.70 2.70
N LYS D 69 -16.02 13.36 1.75
CA LYS D 69 -17.17 12.82 1.00
C LYS D 69 -16.75 12.28 -0.35
N VAL D 70 -17.48 11.22 -0.74
CA VAL D 70 -17.27 10.38 -1.94
C VAL D 70 -15.84 9.86 -2.03
CA CA E . -13.38 -15.31 -13.92
#